data_8ZD7
#
_entry.id   8ZD7
#
loop_
_entity.id
_entity.type
_entity.pdbx_description
1 polymer "DNA (5'-D(*CP*TP*AP*AP*CP*GP*GP*AP*AP*TP*G)-3')"
2 polymer "DNA (5'-D(*CP*AP*TP*TP*CP*GP*GP*TP*TP*AP*G)-3')"
3 non-polymer ~{N}-(7-methyl-1,8-naphthyridin-2-yl)-2-[[2-[(7-methyl-1,8-naphthyridin-2-yl)amino]-2-oxidanylidene-ethyl]amino]ethanamide
#
loop_
_entity_poly.entity_id
_entity_poly.type
_entity_poly.pdbx_seq_one_letter_code
_entity_poly.pdbx_strand_id
1 'polydeoxyribonucleotide' (DC)(DT)(DA)(DA)(DC)(DG)(DG)(DA)(DA)(DT)(DG) 1
2 'polydeoxyribonucleotide' (DC)(DA)(DT)(DT)(DC)(DG)(DG)(DT)(DT)(DA)(DG) 2
#
loop_
_chem_comp.id
_chem_comp.type
_chem_comp.name
_chem_comp.formula
A1L1R non-polymer ~{N}-(7-methyl-1,8-naphthyridin-2-yl)-2-[[2-[(7-methyl-1,8-naphthyridin-2-yl)amino]-2-oxidanylidene-ethyl]amino]ethanamide 'C22 H21 N7 O2'
DA DNA linking 2'-DEOXYADENOSINE-5'-MONOPHOSPHATE 'C10 H14 N5 O6 P'
DC DNA linking 2'-DEOXYCYTIDINE-5'-MONOPHOSPHATE 'C9 H14 N3 O7 P'
DG DNA linking 2'-DEOXYGUANOSINE-5'-MONOPHOSPHATE 'C10 H14 N5 O7 P'
DT DNA linking THYMIDINE-5'-MONOPHOSPHATE 'C10 H15 N2 O8 P'
#
# COMPACT_ATOMS: atom_id res chain seq x y z
C10 A1L1R C . -2.77 -2.06 2.05
C14 A1L1R C . -2.11 1.92 -0.67
C13 A1L1R C . -4.15 0.54 -0.45
C12 A1L1R C . -4.50 -0.92 -0.18
C16 A1L1R C . -1.71 4.11 0.25
C11 A1L1R C . -3.72 -0.89 2.21
N01 A1L1R C . 2.80 -1.80 -0.03
C06 A1L1R C . 1.66 -2.48 0.22
C05 A1L1R C . 1.51 -3.80 -0.23
C04 A1L1R C . 2.56 -4.44 -0.90
C03 A1L1R C . 3.73 -3.70 -1.17
C02 A1L1R C . 3.80 -2.38 -0.70
N02 A1L1R C . 0.66 -1.86 0.88
C09 A1L1R C . -0.48 -2.52 1.14
C08 A1L1R C . -0.71 -3.83 0.72
C07 A1L1R C . 0.30 -4.49 0.01
C01 A1L1R C . 5.06 -1.57 -0.92
N03 A1L1R C . -1.47 -1.77 1.82
O01 A1L1R C . -3.26 -3.18 2.09
N04 A1L1R C . -4.84 -1.04 1.24
N05 A1L1R C . -2.93 0.80 -0.92
O02 A1L1R C . -5.01 1.37 -0.16
N06 A1L1R C . -0.82 1.81 -1.05
C18 A1L1R C . 0.05 2.82 -0.83
C17 A1L1R C . -0.38 3.99 -0.17
C15 A1L1R C . -2.59 3.06 -0.01
N07 A1L1R C . 1.32 2.67 -1.25
C21 A1L1R C . 2.20 3.67 -1.04
C20 A1L1R C . 1.85 4.86 -0.40
C19 A1L1R C . 0.54 5.03 0.05
C22 A1L1R C . 3.61 3.45 -1.55
H11 A1L1R C . -3.65 -1.56 -0.40
H12 A1L1R C . -5.38 -1.21 -0.77
H15 A1L1R C . -2.05 5.02 0.80
H08 A1L1R C . -3.20 0.05 1.98
H07 A1L1R C . -4.11 -0.87 3.22
H03 A1L1R C . 2.49 -5.51 -1.19
H02 A1L1R C . 4.57 -4.16 -1.73
H05 A1L1R C . -1.66 -4.35 0.95
H04 A1L1R C . 0.15 -5.51 -0.38
H32 A1L1R C . 5.07 -0.53 -0.54
H31 A1L1R C . 5.33 -1.44 -1.98
H33 A1L1R C . 5.97 -2.00 -0.49
H06 A1L1R C . -1.22 -0.79 1.94
H09 A1L1R C . -5.27 -1.97 1.40
H13 A1L1R C . -2.40 -0.01 -1.22
H14 A1L1R C . -3.66 3.13 0.29
H17 A1L1R C . 2.62 5.66 -0.24
H16 A1L1R C . 0.23 5.97 0.55
H42 A1L1R C . 4.40 3.52 -0.78
H41 A1L1R C . 3.95 4.17 -2.32
H43 A1L1R C . 3.83 2.46 -2.02
C10 A1L1R C . -3.13 -1.70 2.47
C14 A1L1R C . -2.40 2.25 -0.23
C13 A1L1R C . -4.48 0.93 0.02
C12 A1L1R C . -4.87 -0.51 0.31
C16 A1L1R C . -1.92 4.45 0.63
C11 A1L1R C . -4.04 -0.50 2.67
N01 A1L1R C . 2.43 -1.60 0.35
C06 A1L1R C . 1.27 -2.24 0.60
C05 A1L1R C . 1.09 -3.57 0.17
C04 A1L1R C . 2.13 -4.25 -0.49
C03 A1L1R C . 3.31 -3.55 -0.76
C02 A1L1R C . 3.42 -2.22 -0.32
N02 A1L1R C . 0.29 -1.59 1.26
C09 A1L1R C . -0.87 -2.22 1.53
C08 A1L1R C . -1.13 -3.53 1.12
C07 A1L1R C . -0.13 -4.22 0.42
C01 A1L1R C . 4.69 -1.44 -0.55
N03 A1L1R C . -1.84 -1.44 2.20
O01 A1L1R C . -3.65 -2.81 2.51
N04 A1L1R C . -5.18 -0.63 1.74
N05 A1L1R C . -3.24 1.14 -0.46
O02 A1L1R C . -5.30 1.79 0.30
N06 A1L1R C . -1.11 2.10 -0.63
C18 A1L1R C . -0.21 3.09 -0.43
C17 A1L1R C . -0.60 4.29 0.19
C15 A1L1R C . -2.84 3.42 0.40
N07 A1L1R C . 1.05 2.90 -0.87
C21 A1L1R C . 1.96 3.87 -0.68
C20 A1L1R C . 1.66 5.09 -0.06
C19 A1L1R C . 0.35 5.30 0.39
C22 A1L1R C . 3.35 3.61 -1.21
H11 A1L1R C . -4.04 -1.19 0.08
H12 A1L1R C . -5.76 -0.77 -0.27
H15 A1L1R C . -2.23 5.38 1.16
H08 A1L1R C . -3.51 0.43 2.45
H07 A1L1R C . -4.42 -0.49 3.69
H03 A1L1R C . 2.03 -5.32 -0.75
H02 A1L1R C . 4.15 -4.03 -1.31
H05 A1L1R C . -2.09 -4.03 1.37
H04 A1L1R C . -0.31 -5.25 0.05
H32 A1L1R C . 4.98 -1.31 -1.61
H31 A1L1R C . 5.60 -1.87 -0.10
H33 A1L1R C . 4.72 -0.38 -0.18
H06 A1L1R C . -1.56 -0.47 2.33
H09 A1L1R C . -5.65 -1.54 1.90
H13 A1L1R C . -2.74 0.31 -0.73
H14 A1L1R C . -3.90 3.52 0.71
H17 A1L1R C . 2.43 5.87 0.08
H16 A1L1R C . 0.07 6.25 0.89
H42 A1L1R C . 4.16 3.68 -0.44
H41 A1L1R C . 3.70 4.31 -2.00
H43 A1L1R C . 3.56 2.62 -1.67
C10 A1L1R C . -2.73 -1.82 2.49
C14 A1L1R C . -2.10 2.11 -0.24
C13 A1L1R C . -4.12 0.68 -0.04
C12 A1L1R C . -4.47 -0.76 0.28
C16 A1L1R C . -1.77 4.33 0.64
C11 A1L1R C . -3.71 -0.68 2.66
N01 A1L1R C . 2.79 -1.46 0.33
C06 A1L1R C . 1.66 -2.17 0.57
C05 A1L1R C . 1.52 -3.49 0.12
C04 A1L1R C . 2.57 -4.11 -0.57
C03 A1L1R C . 3.72 -3.35 -0.85
C02 A1L1R C . 3.79 -2.04 -0.37
N02 A1L1R C . 0.67 -1.56 1.25
C09 A1L1R C . -0.47 -2.23 1.53
C08 A1L1R C . -0.68 -3.55 1.11
C07 A1L1R C . 0.33 -4.19 0.38
C01 A1L1R C . 5.03 -1.20 -0.59
N03 A1L1R C . -1.46 -1.50 2.23
O01 A1L1R C . -3.20 -2.95 2.56
N04 A1L1R C . -4.82 -0.85 1.70
N05 A1L1R C . -2.88 0.95 -0.45
O02 A1L1R C . -5.02 1.51 0.15
N06 A1L1R C . -0.81 2.03 -0.63
C18 A1L1R C . 0.01 3.08 -0.44
C17 A1L1R C . -0.44 4.25 0.20
C15 A1L1R C . -2.62 3.24 0.40
N07 A1L1R C . 1.29 2.97 -0.89
C21 A1L1R C . 2.13 4.00 -0.71
C20 A1L1R C . 1.76 5.20 -0.08
C19 A1L1R C . 0.45 5.32 0.38
C22 A1L1R C . 3.54 3.82 -1.23
H11 A1L1R C . -3.60 -1.41 0.09
H12 A1L1R C . -5.31 -1.10 -0.32
H15 A1L1R C . -2.13 5.23 1.18
H08 A1L1R C . -3.22 0.28 2.46
H07 A1L1R C . -4.12 -0.68 3.68
H03 A1L1R C . 2.51 -5.18 -0.88
H02 A1L1R C . 4.57 -3.79 -1.42
H05 A1L1R C . -1.62 -4.09 1.37
H04 A1L1R C . 0.19 -5.22 -0.01
H32 A1L1R C . 5.31 -1.07 -1.66
H31 A1L1R C . 5.95 -1.63 -0.15
H33 A1L1R C . 5.04 -0.17 -0.21
H06 A1L1R C . -1.23 -0.52 2.33
H09 A1L1R C . -5.27 -1.76 1.88
H13 A1L1R C . -2.33 0.13 -0.67
H14 A1L1R C . -3.68 3.29 0.71
H17 A1L1R C . 2.49 6.02 0.05
H16 A1L1R C . 0.11 6.26 0.87
H42 A1L1R C . 4.35 3.99 -0.49
H41 A1L1R C . 3.83 4.50 -2.06
H43 A1L1R C . 3.81 2.82 -1.65
C10 A1L1R C . -3.01 -1.87 1.92
C14 A1L1R C . -2.32 2.24 -0.64
C13 A1L1R C . -4.40 0.88 -0.44
C12 A1L1R C . -4.79 -0.57 -0.24
C16 A1L1R C . -1.88 4.42 0.27
C11 A1L1R C . -3.92 -0.67 2.12
N01 A1L1R C . 2.59 -1.81 -0.06
C06 A1L1R C . 1.42 -2.45 0.16
C05 A1L1R C . 1.23 -3.77 -0.29
C04 A1L1R C . 2.28 -4.44 -0.94
C03 A1L1R C . 3.46 -3.74 -1.19
C02 A1L1R C . 3.58 -2.43 -0.72
N02 A1L1R C . 0.43 -1.80 0.81
C09 A1L1R C . -0.75 -2.41 1.05
C08 A1L1R C . -1.00 -3.72 0.62
C07 A1L1R C . -0.01 -4.41 -0.09
C01 A1L1R C . 4.86 -1.65 -0.91
N03 A1L1R C . -1.72 -1.64 1.72
O01 A1L1R C . -3.56 -2.98 1.93
N04 A1L1R C . -5.08 -0.78 1.20
N05 A1L1R C . -3.16 1.12 -0.88
O02 A1L1R C . -5.24 1.73 -0.14
N06 A1L1R C . -1.04 2.09 -1.02
C18 A1L1R C . -0.16 3.09 -0.80
C17 A1L1R C . -0.55 4.28 -0.15
C15 A1L1R C . -2.78 3.38 0.02
N07 A1L1R C . 1.12 2.93 -1.23
C21 A1L1R C . 2.03 3.91 -1.02
C20 A1L1R C . 1.70 5.11 -0.39
C19 A1L1R C . 0.39 5.30 0.06
C22 A1L1R C . 3.42 3.66 -1.53
H11 A1L1R C . -3.98 -1.23 -0.53
H12 A1L1R C . -5.69 -0.80 -0.80
H15 A1L1R C . -2.20 5.34 0.81
H08 A1L1R C . -3.37 0.25 1.88
H07 A1L1R C . -4.29 -0.65 3.14
H03 A1L1R C . 2.17 -5.50 -1.24
H02 A1L1R C . 4.31 -4.23 -1.73
H05 A1L1R C . -1.98 -4.21 0.84
H04 A1L1R C . -0.19 -5.42 -0.48
H32 A1L1R C . 4.88 -0.60 -0.56
H31 A1L1R C . 5.19 -1.56 -1.96
H33 A1L1R C . 5.76 -2.09 -0.42
H06 A1L1R C . -1.43 -0.67 1.86
H09 A1L1R C . -5.51 -1.70 1.32
H13 A1L1R C . -2.65 0.31 -1.20
H14 A1L1R C . -3.85 3.48 0.32
H17 A1L1R C . 2.47 5.89 -0.22
H16 A1L1R C . 0.09 6.24 0.57
H42 A1L1R C . 3.63 2.66 -1.98
H41 A1L1R C . 4.22 3.75 -0.78
H43 A1L1R C . 3.76 4.35 -2.33
C10 A1L1R C . -2.80 -1.88 2.54
C14 A1L1R C . -2.50 2.12 -0.13
C13 A1L1R C . -4.48 0.63 0.16
C12 A1L1R C . -4.76 -0.84 0.43
C16 A1L1R C . -2.17 4.35 0.72
C11 A1L1R C . -3.79 -0.74 2.74
N01 A1L1R C . 2.63 -1.46 0.16
C06 A1L1R C . 1.52 -2.17 0.46
C05 A1L1R C . 1.40 -3.52 0.05
C04 A1L1R C . 2.44 -4.12 -0.66
C03 A1L1R C . 3.55 -3.35 -1.01
C02 A1L1R C . 3.61 -2.02 -0.57
N02 A1L1R C . 0.55 -1.57 1.17
C09 A1L1R C . -0.56 -2.27 1.52
C08 A1L1R C . -0.76 -3.60 1.13
C07 A1L1R C . 0.24 -4.23 0.37
C01 A1L1R C . 4.82 -1.16 -0.88
N03 A1L1R C . -1.53 -1.54 2.24
O01 A1L1R C . -3.25 -3.01 2.63
N04 A1L1R C . -4.96 -0.98 1.89
N05 A1L1R C . -3.26 0.94 -0.31
O02 A1L1R C . -5.37 1.43 0.43
N06 A1L1R C . -1.23 2.07 -0.61
C18 A1L1R C . -0.42 3.14 -0.46
C17 A1L1R C . -0.86 4.29 0.19
C15 A1L1R C . -3.00 3.24 0.55
N07 A1L1R C . 0.82 3.06 -0.98
C21 A1L1R C . 1.66 4.12 -0.85
C20 A1L1R C . 1.29 5.31 -0.21
C19 A1L1R C . 0.00 5.39 0.33
C22 A1L1R C . 3.03 3.96 -1.46
H11 A1L1R C . -3.92 -1.46 0.14
H12 A1L1R C . -5.67 -1.15 -0.08
H15 A1L1R C . -2.52 5.24 1.29
H08 A1L1R C . -3.33 0.21 2.45
H07 A1L1R C . -4.11 -0.70 3.78
H03 A1L1R C . 2.39 -5.20 -0.93
H02 A1L1R C . 4.39 -3.79 -1.60
H05 A1L1R C . -1.67 -4.15 1.43
H04 A1L1R C . 0.11 -5.28 0.02
H32 A1L1R C . 5.04 -1.04 -1.96
H31 A1L1R C . 5.78 -1.55 -0.48
H33 A1L1R C . 4.80 -0.12 -0.51
H06 A1L1R C . -1.32 -0.57 2.33
H09 A1L1R C . -5.31 -1.93 2.08
H13 A1L1R C . -2.70 0.14 -0.59
H14 A1L1R C . -4.05 3.25 0.92
H17 A1L1R C . 2.00 6.15 -0.12
H16 A1L1R C . -0.34 6.33 0.84
H42 A1L1R C . 3.88 4.07 -0.75
H41 A1L1R C . 3.28 4.72 -2.24
H43 A1L1R C . 3.26 3.00 -1.96
C10 A1L1R C . -1.67 -3.06 1.84
C14 A1L1R C . -2.01 1.03 -0.55
C13 A1L1R C . -3.78 -0.71 -0.40
C12 A1L1R C . -3.87 -2.21 -0.21
C16 A1L1R C . -1.99 3.22 0.48
C11 A1L1R C . -2.80 -2.08 2.05
N01 A1L1R C . 3.70 -1.83 -0.41
C06 A1L1R C . 2.68 -2.68 -0.17
C05 A1L1R C . 2.71 -4.00 -0.68
C04 A1L1R C . 3.82 -4.43 -1.41
C03 A1L1R C . 4.85 -3.52 -1.68
C02 A1L1R C . 4.75 -2.22 -1.14
N02 A1L1R C . 1.63 -2.26 0.56
C09 A1L1R C . 0.61 -3.10 0.83
C08 A1L1R C . 0.58 -4.42 0.35
C07 A1L1R C . 1.64 -4.87 -0.43
C01 A1L1R C . 5.85 -1.21 -1.35
N03 A1L1R C . -0.45 -2.55 1.58
O01 A1L1R C . -1.95 -4.26 1.88
N04 A1L1R C . -3.94 -2.52 1.22
N05 A1L1R C . -2.61 -0.20 -0.85
O02 A1L1R C . -4.77 -0.04 -0.07
N06 A1L1R C . -0.73 1.17 -0.95
C18 A1L1R C . -0.05 2.31 -0.68
C17 A1L1R C . -0.66 3.36 0.03
C15 A1L1R C . -2.68 2.04 0.17
N07 A1L1R C . 1.22 2.42 -1.12
C21 A1L1R C . 1.92 3.54 -0.86
C20 A1L1R C . 1.38 4.62 -0.16
C19 A1L1R C . 0.05 4.53 0.29
C22 A1L1R C . 3.33 3.59 -1.39
H11 A1L1R C . -2.97 -2.68 -0.63
H12 A1L1R C . -4.76 -2.59 -0.70
H15 A1L1R C . -2.47 4.03 1.07
H08 A1L1R C . -2.50 -1.08 1.74
H07 A1L1R C . -3.11 -2.07 3.11
H03 A1L1R C . 3.90 -5.48 -1.77
H02 A1L1R C . 5.74 -3.80 -2.29
H05 A1L1R C . -0.26 -5.09 0.60
H04 A1L1R C . 1.63 -5.89 -0.87
H32 A1L1R C . 6.84 -1.50 -0.97
H31 A1L1R C . 5.70 -0.20 -0.91
H33 A1L1R C . 6.07 -0.97 -2.42
H06 A1L1R C . -0.38 -1.54 1.71
H09 A1L1R C . -4.04 -3.55 1.34
H13 A1L1R C . -1.96 -0.89 -1.19
H14 A1L1R C . -3.73 1.90 0.49
H17 A1L1R C . 1.98 5.53 0.02
H16 A1L1R C . -0.41 5.38 0.85
H42 A1L1R C . 3.74 2.66 -1.85
H41 A1L1R C . 4.10 3.85 -0.63
H43 A1L1R C . 3.53 4.34 -2.20
C10 A1L1R C . -2.88 -1.98 2.17
C14 A1L1R C . -2.26 2.10 -0.40
C13 A1L1R C . -4.33 0.72 -0.16
C12 A1L1R C . -4.70 -0.74 0.05
C16 A1L1R C . -1.83 4.31 0.46
C11 A1L1R C . -3.80 -0.79 2.39
N01 A1L1R C . 2.70 -1.88 0.10
C06 A1L1R C . 1.54 -2.53 0.33
C05 A1L1R C . 1.36 -3.85 -0.10
C04 A1L1R C . 2.40 -4.52 -0.75
C03 A1L1R C . 3.58 -3.82 -1.01
C02 A1L1R C . 3.69 -2.50 -0.57
N02 A1L1R C . 0.55 -1.86 0.98
C09 A1L1R C . -0.62 -2.49 1.25
C08 A1L1R C . -0.86 -3.81 0.83
C07 A1L1R C . 0.13 -4.49 0.13
C01 A1L1R C . 4.96 -1.71 -0.78
N03 A1L1R C . -1.59 -1.72 1.92
O01 A1L1R C . -3.40 -3.10 2.21
N04 A1L1R C . -4.96 -0.93 1.49
N05 A1L1R C . -3.09 0.98 -0.61
O02 A1L1R C . -5.17 1.56 0.15
N06 A1L1R C . -0.99 1.98 -0.82
C18 A1L1R C . -0.12 2.99 -0.64
C17 A1L1R C . -0.52 4.18 0.00
C15 A1L1R C . -2.73 3.25 0.25
N07 A1L1R C . 1.15 2.85 -1.10
C21 A1L1R C . 2.03 3.84 -0.93
C20 A1L1R C . 1.71 5.05 -0.30
C19 A1L1R C . 0.40 5.23 0.18
C22 A1L1R C . 3.42 3.60 -1.48
H11 A1L1R C . -3.89 -1.39 -0.26
H12 A1L1R C . -5.62 -0.97 -0.50
H15 A1L1R C . -2.16 5.23 1.00
H08 A1L1R C . -3.28 0.13 2.14
H07 A1L1R C . -4.15 -0.77 3.42
H03 A1L1R C . 2.31 -5.59 -1.04
H02 A1L1R C . 4.43 -4.30 -1.56
H05 A1L1R C . -1.84 -4.30 1.06
H04 A1L1R C . -0.05 -5.53 -0.25
H32 A1L1R C . 5.87 -2.16 -0.34
H31 A1L1R C . 4.99 -0.67 -0.39
H33 A1L1R C . 5.25 -1.57 -1.84
H06 A1L1R C . -1.31 -0.76 2.04
H09 A1L1R C . -5.37 -1.87 1.63
H13 A1L1R C . -2.58 0.16 -0.92
H14 A1L1R C . -3.79 3.33 0.58
H17 A1L1R C . 2.47 5.85 -0.18
H16 A1L1R C . 0.10 6.17 0.67
H42 A1L1R C . 3.63 2.62 -1.94
H41 A1L1R C . 4.24 3.68 -0.73
H43 A1L1R C . 3.75 4.32 -2.26
C10 A1L1R C . -2.73 -1.87 2.06
C14 A1L1R C . -1.88 2.07 -0.65
C13 A1L1R C . -3.97 0.74 -0.46
C12 A1L1R C . -4.36 -0.70 -0.22
C16 A1L1R C . -1.45 4.28 0.25
C11 A1L1R C . -3.66 -0.68 2.19
N01 A1L1R C . 2.87 -1.73 0.06
C06 A1L1R C . 1.70 -2.39 0.28
C05 A1L1R C . 1.53 -3.71 -0.16
C04 A1L1R C . 2.58 -4.37 -0.81
C03 A1L1R C . 3.75 -3.66 -1.07
C02 A1L1R C . 3.86 -2.34 -0.61
N02 A1L1R C . 0.72 -1.75 0.94
C09 A1L1R C . -0.45 -2.37 1.20
C08 A1L1R C . -0.70 -3.69 0.77
C07 A1L1R C . 0.31 -4.36 0.07
C01 A1L1R C . 5.13 -1.55 -0.81
N03 A1L1R C . -1.43 -1.61 1.87
O01 A1L1R C . -3.24 -2.99 2.10
N04 A1L1R C . -4.75 -0.83 1.20
N05 A1L1R C . -2.72 0.96 -0.90
O02 A1L1R C . -4.81 1.59 -0.21
N06 A1L1R C . -0.60 1.94 -1.03
C18 A1L1R C . 0.28 2.94 -0.81
C17 A1L1R C . -0.12 4.13 -0.17
C15 A1L1R C . -2.35 3.24 0.00
N07 A1L1R C . 1.55 2.79 -1.23
C21 A1L1R C . 2.46 3.76 -1.03
C20 A1L1R C . 2.13 4.98 -0.39
C19 A1L1R C . 0.81 5.16 0.04
C22 A1L1R C . 3.85 3.52 -1.53
H11 A1L1R C . -3.52 -1.37 -0.41
H12 A1L1R C . -5.21 -0.98 -0.84
H15 A1L1R C . -1.78 5.20 0.79
H08 A1L1R C . -3.12 0.25 1.98
H07 A1L1R C . -4.10 -0.65 3.18
H03 A1L1R C . 2.49 -5.44 -1.11
H02 A1L1R C . 4.60 -4.13 -1.62
H05 A1L1R C . -1.66 -4.19 1.00
H04 A1L1R C . 0.14 -5.40 -0.31
H32 A1L1R C . 5.44 -1.45 -1.87
H31 A1L1R C . 6.03 -1.98 -0.34
H33 A1L1R C . 5.14 -0.50 -0.46
H06 A1L1R C . -1.16 -0.64 1.98
H09 A1L1R C . -5.19 -1.75 1.33
H13 A1L1R C . -2.20 0.14 -1.17
H14 A1L1R C . -3.42 3.32 0.29
H17 A1L1R C . 2.90 5.76 -0.23
H16 A1L1R C . 0.51 6.11 0.54
H42 A1L1R C . 4.06 2.53 -1.99
H41 A1L1R C . 4.66 3.60 -0.77
H43 A1L1R C . 4.20 4.22 -2.31
C10 A1L1R C . -2.76 -1.96 1.99
C14 A1L1R C . -2.11 2.15 -0.62
C13 A1L1R C . -4.16 0.77 -0.41
C12 A1L1R C . -4.52 -0.69 -0.19
C16 A1L1R C . -1.69 4.34 0.30
C11 A1L1R C . -3.68 -0.77 2.17
N01 A1L1R C . 2.82 -1.85 -0.04
C06 A1L1R C . 1.66 -2.50 0.18
C05 A1L1R C . 1.47 -3.82 -0.28
C04 A1L1R C . 2.52 -4.48 -0.94
C03 A1L1R C . 3.71 -3.78 -1.19
C02 A1L1R C . 3.81 -2.47 -0.71
N02 A1L1R C . 0.67 -1.86 0.85
C09 A1L1R C . -0.49 -2.48 1.09
C08 A1L1R C . -0.75 -3.78 0.65
C07 A1L1R C . 0.25 -4.47 -0.06
C01 A1L1R C . 5.10 -1.68 -0.91
N03 A1L1R C . -1.47 -1.71 1.76
O01 A1L1R C . -3.30 -3.07 2.01
N04 A1L1R C . -4.82 -0.88 1.25
N05 A1L1R C . -2.93 1.03 -0.88
O02 A1L1R C . -5.01 1.59 -0.09
N06 A1L1R C . -0.82 2.03 -1.01
C18 A1L1R C . 0.04 3.03 -0.77
C17 A1L1R C . -0.37 4.21 -0.11
C15 A1L1R C . -2.59 3.28 0.04
N07 A1L1R C . 1.32 2.90 -1.20
C21 A1L1R C . 2.22 3.88 -0.97
C20 A1L1R C . 1.88 5.07 -0.33
C19 A1L1R C . 0.55 5.24 0.11
C22 A1L1R C . 3.62 3.65 -1.49
H11 A1L1R C . -3.68 -1.33 -0.45
H12 A1L1R C . -5.41 -0.95 -0.77
H15 A1L1R C . -2.03 5.24 0.86
H08 A1L1R C . -3.14 0.15 1.96
H07 A1L1R C . -4.06 -0.75 3.20
H03 A1L1R C . 2.42 -5.54 -1.24
H02 A1L1R C . 4.54 -4.26 -1.74
H05 A1L1R C . -1.72 -4.28 0.88
H04 A1L1R C . 0.07 -5.49 -0.46
H32 A1L1R C . 6.00 -2.14 -0.46
H31 A1L1R C . 5.11 -0.64 -0.51
H33 A1L1R C . 5.40 -1.53 -1.96
H06 A1L1R C . -1.19 -0.75 1.90
H09 A1L1R C . -5.26 -1.81 1.37
H13 A1L1R C . -2.41 0.22 -1.19
H14 A1L1R C . -3.66 3.37 0.34
H17 A1L1R C . 2.64 5.86 -0.16
H16 A1L1R C . 0.25 6.18 0.62
H42 A1L1R C . 4.41 3.70 -0.72
H41 A1L1R C . 3.96 4.38 -2.25
H43 A1L1R C . 3.84 2.68 -1.98
C10 A1L1R C . -2.81 -2.34 2.22
C14 A1L1R C . -2.46 1.65 -0.55
C13 A1L1R C . -4.35 0.06 -0.37
C12 A1L1R C . -4.54 -1.42 -0.05
C16 A1L1R C . -2.34 3.88 0.35
C11 A1L1R C . -3.86 -1.27 2.37
N01 A1L1R C . 2.73 -1.58 0.22
C06 A1L1R C . 1.65 -2.36 0.43
C05 A1L1R C . 1.62 -3.70 -0.02
C04 A1L1R C . 2.74 -4.24 -0.68
C03 A1L1R C . 3.83 -3.39 -0.94
C02 A1L1R C . 3.79 -2.07 -0.46
N02 A1L1R C . 0.60 -1.84 1.10
C09 A1L1R C . -0.49 -2.60 1.35
C08 A1L1R C . -0.58 -3.92 0.91
C07 A1L1R C . 0.49 -4.48 0.20
C01 A1L1R C . 4.97 -1.15 -0.66
N03 A1L1R C . -1.55 -1.95 2.02
O01 A1L1R C . -3.20 -3.51 2.26
N04 A1L1R C . -4.93 -1.52 1.37
N05 A1L1R C . -3.14 0.43 -0.82
O02 A1L1R C . -5.31 0.80 -0.17
N06 A1L1R C . -1.16 1.67 -0.88
C18 A1L1R C . -0.42 2.77 -0.64
C17 A1L1R C . -0.99 3.90 -0.03
C15 A1L1R C . -3.10 2.73 0.06
N07 A1L1R C . 0.88 2.77 -1.01
C21 A1L1R C . 1.64 3.85 -0.77
C20 A1L1R C . 1.14 5.00 -0.17
C19 A1L1R C . -0.20 5.04 0.22
C22 A1L1R C . 3.08 3.78 -1.23
H11 A1L1R C . -3.61 -1.96 -0.20
H12 A1L1R C . -5.34 -1.83 -0.66
H15 A1L1R C . -2.80 4.74 0.87
H08 A1L1R C . -3.43 -0.28 2.16
H07 A1L1R C . -4.30 -1.30 3.37
H03 A1L1R C . 2.76 -5.30 -0.99
H02 A1L1R C . 4.72 -3.77 -1.48
H05 A1L1R C . -1.49 -4.53 1.14
H04 A1L1R C . 0.42 -5.52 -0.19
H32 A1L1R C . 5.91 -1.49 -0.19
H31 A1L1R C . 4.87 -0.12 -0.27
H33 A1L1R C . 5.27 -0.99 -1.71
H06 A1L1R C . -1.38 -0.95 2.14
H09 A1L1R C . -5.30 -2.48 1.53
H13 A1L1R C . -2.52 -0.32 -1.06
H14 A1L1R C . -4.18 2.69 0.32
H17 A1L1R C . 1.80 5.89 0.01
H16 A1L1R C . -0.63 5.94 0.70
H42 A1L1R C . 3.83 3.95 -0.43
H41 A1L1R C . 3.38 4.52 -2.00
H43 A1L1R C . 3.44 2.83 -1.69
C10 A1L1R C . -2.58 -2.06 1.92
C14 A1L1R C . -2.10 2.00 -0.64
C13 A1L1R C . -4.13 0.58 -0.43
C12 A1L1R C . -4.46 -0.88 -0.18
C16 A1L1R C . -1.74 4.20 0.26
C11 A1L1R C . -3.52 -0.89 2.14
N01 A1L1R C . 2.98 -1.81 -0.17
C06 A1L1R C . 1.84 -2.49 0.06
C05 A1L1R C . 1.68 -3.81 -0.39
C04 A1L1R C . 2.74 -4.45 -1.05
C03 A1L1R C . 3.91 -3.73 -1.31
C02 A1L1R C . 3.99 -2.41 -0.84
N02 A1L1R C . 0.84 -1.86 0.72
C09 A1L1R C . -0.31 -2.51 0.98
C08 A1L1R C . -0.54 -3.83 0.55
C07 A1L1R C . 0.48 -4.48 -0.16
C01 A1L1R C . 5.24 -1.59 -1.05
N03 A1L1R C . -1.30 -1.77 1.66
O01 A1L1R C . -3.08 -3.17 1.94
N04 A1L1R C . -4.70 -1.06 1.26
N05 A1L1R C . -2.91 0.85 -0.88
O02 A1L1R C . -5.00 1.39 -0.13
N06 A1L1R C . -0.82 1.91 -1.05
C18 A1L1R C . 0.03 2.94 -0.84
C17 A1L1R C . -0.41 4.10 -0.18
C15 A1L1R C . -2.61 3.13 0.02
N07 A1L1R C . 1.29 2.83 -1.28
C21 A1L1R C . 2.16 3.84 -1.08
C20 A1L1R C . 1.80 5.03 -0.44
C19 A1L1R C . 0.49 5.17 0.03
C22 A1L1R C . 3.56 3.64 -1.62
H11 A1L1R C . -3.63 -1.52 -0.48
H12 A1L1R C . -5.37 -1.16 -0.72
H15 A1L1R C . -2.08 5.10 0.82
H08 A1L1R C . -3.03 0.04 1.88
H07 A1L1R C . -3.86 -0.87 3.17
H03 A1L1R C . 2.66 -5.52 -1.34
H02 A1L1R C . 4.76 -4.19 -1.86
H05 A1L1R C . -1.49 -4.34 0.78
H04 A1L1R C . 0.32 -5.51 -0.55
H32 A1L1R C . 5.24 -0.55 -0.68
H31 A1L1R C . 5.53 -1.47 -2.11
H33 A1L1R C . 6.16 -2.01 -0.60
H06 A1L1R C . -1.04 -0.80 1.80
H09 A1L1R C . -5.09 -2.01 1.42
H13 A1L1R C . -2.36 0.05 -1.18
H14 A1L1R C . -3.67 3.18 0.33
H17 A1L1R C . 2.54 5.85 -0.29
H16 A1L1R C . 0.16 6.10 0.54
H42 A1L1R C . 3.82 2.66 -2.06
H41 A1L1R C . 4.37 3.79 -0.87
H43 A1L1R C . 3.86 4.36 -2.42
C10 A1L1R C . -2.01 -1.89 2.13
C14 A1L1R C . -1.69 2.12 -0.42
C13 A1L1R C . -3.69 0.68 -0.15
C12 A1L1R C . -4.01 -0.79 0.07
C16 A1L1R C . -1.32 4.33 0.47
C11 A1L1R C . -2.98 -0.75 2.36
N01 A1L1R C . 3.46 -1.56 -0.18
C06 A1L1R C . 2.34 -2.25 0.09
C05 A1L1R C . 2.18 -3.58 -0.36
C04 A1L1R C . 3.23 -4.20 -1.06
C03 A1L1R C . 4.37 -3.45 -1.37
C02 A1L1R C . 4.45 -2.13 -0.90
N02 A1L1R C . 1.36 -1.64 0.78
C09 A1L1R C . 0.23 -2.31 1.10
C08 A1L1R C . 0.01 -3.63 0.68
C07 A1L1R C . 1.00 -4.28 -0.07
C01 A1L1R C . 5.68 -1.30 -1.16
N03 A1L1R C . -0.75 -1.58 1.80
O01 A1L1R C . -2.47 -3.03 2.19
N04 A1L1R C . -4.18 -0.98 1.53
N05 A1L1R C . -2.48 0.97 -0.63
O02 A1L1R C . -4.56 1.48 0.15
N06 A1L1R C . -0.42 2.06 -0.88
C18 A1L1R C . 0.42 3.11 -0.71
C17 A1L1R C . -0.01 4.27 -0.03
C15 A1L1R C . -2.17 3.24 0.27
N07 A1L1R C . 1.67 3.02 -1.21
C21 A1L1R C . 2.53 4.05 -1.05
C20 A1L1R C . 2.17 5.23 -0.38
C19 A1L1R C . 0.88 5.34 0.14
C22 A1L1R C . 3.90 3.88 -1.64
H11 A1L1R C . -3.18 -1.42 -0.27
H12 A1L1R C . -4.94 -1.06 -0.42
H15 A1L1R C . -1.66 5.22 1.04
H08 A1L1R C . -2.52 0.20 2.06
H07 A1L1R C . -3.27 -0.72 3.41
H03 A1L1R C . 3.16 -5.27 -1.36
H02 A1L1R C . 5.21 -3.90 -1.95
H05 A1L1R C . -0.92 -4.16 0.95
H04 A1L1R C . 0.84 -5.30 -0.45
H32 A1L1R C . 5.94 -1.17 -2.22
H31 A1L1R C . 6.63 -1.71 -0.74
H33 A1L1R C . 5.69 -0.26 -0.78
H06 A1L1R C . -0.51 -0.60 1.91
H09 A1L1R C . -4.50 -1.95 1.70
H13 A1L1R C . -1.93 0.17 -0.95
H14 A1L1R C . -3.22 3.27 0.62
H17 A1L1R C . 2.91 6.06 -0.26
H16 A1L1R C . 0.55 6.26 0.66
H42 A1L1R C . 4.14 2.92 -2.13
H41 A1L1R C . 4.73 3.99 -0.92
H43 A1L1R C . 4.17 4.62 -2.42
C10 A1L1R C . -1.74 -2.57 1.65
C14 A1L1R C . -1.75 1.47 -0.88
C13 A1L1R C . -3.61 -0.17 -0.72
C12 A1L1R C . -3.79 -1.64 -0.47
C16 A1L1R C . -1.62 3.70 0.05
C11 A1L1R C . -2.78 -1.48 1.82
N01 A1L1R C . 3.80 -1.86 -0.40
C06 A1L1R C . 2.71 -2.63 -0.18
C05 A1L1R C . 2.66 -3.95 -0.65
C04 A1L1R C . 3.77 -4.50 -1.32
C03 A1L1R C . 4.87 -3.67 -1.57
C02 A1L1R C . 4.84 -2.35 -1.08
N02 A1L1R C . 1.66 -2.09 0.49
C09 A1L1R C . 0.57 -2.83 0.75
C08 A1L1R C . 0.46 -4.17 0.30
C07 A1L1R C . 1.51 -4.72 -0.42
C01 A1L1R C . 6.03 -1.44 -1.28
N03 A1L1R C . -0.46 -2.19 1.43
O01 A1L1R C . -2.15 -3.73 1.67
N04 A1L1R C . -3.95 -1.83 0.99
N05 A1L1R C . -2.41 0.25 -1.13
O02 A1L1R C . -4.57 0.56 -0.48
N06 A1L1R C . -0.46 1.53 -1.27
C18 A1L1R C . 0.27 2.65 -1.06
C17 A1L1R C . -0.29 3.75 -0.39
C15 A1L1R C . -2.37 2.53 -0.20
N07 A1L1R C . 1.54 2.68 -1.50
C21 A1L1R C . 2.29 3.78 -1.30
C20 A1L1R C . 1.79 4.92 -0.64
C19 A1L1R C . 0.47 4.90 -0.18
C22 A1L1R C . 3.70 3.75 -1.83
H11 A1L1R C . -2.91 -2.20 -0.79
H12 A1L1R C . -4.70 -2.01 -0.96
H15 A1L1R C . -2.07 4.54 0.61
H08 A1L1R C . -2.38 -0.52 1.49
H07 A1L1R C . -3.09 -1.43 2.86
H03 A1L1R C . 3.77 -5.57 -1.63
H02 A1L1R C . 5.75 -4.06 -2.12
H05 A1L1R C . -0.45 -4.77 0.54
H04 A1L1R C . 1.44 -5.76 -0.82
H32 A1L1R C . 5.95 -0.42 -0.87
H31 A1L1R C . 6.31 -1.26 -2.34
H33 A1L1R C . 6.98 -1.81 -0.84
H06 A1L1R C . -0.30 -1.19 1.56
H09 A1L1R C . -4.19 -2.82 1.17
H13 A1L1R C . -1.77 -0.49 -1.41
H14 A1L1R C . -3.43 2.46 0.11
H17 A1L1R C . 2.44 5.81 -0.49
H16 A1L1R C . 0.04 5.79 0.34
H42 A1L1R C . 4.50 3.93 -1.08
H41 A1L1R C . 3.93 4.51 -2.61
H43 A1L1R C . 4.04 2.81 -2.32
C10 A1L1R C . -1.96 -2.24 2.09
C14 A1L1R C . -1.76 1.72 -0.60
C13 A1L1R C . -3.70 0.18 -0.36
C12 A1L1R C . -3.93 -1.29 -0.04
C16 A1L1R C . -1.52 3.95 0.29
C11 A1L1R C . -2.98 -1.12 2.28
N01 A1L1R C . 3.51 -1.71 -0.19
C06 A1L1R C . 2.41 -2.45 0.09
C05 A1L1R C . 2.31 -3.79 -0.34
C04 A1L1R C . 3.38 -4.37 -1.04
C03 A1L1R C . 4.49 -3.58 -1.35
C02 A1L1R C . 4.51 -2.26 -0.89
N02 A1L1R C . 1.41 -1.87 0.78
C09 A1L1R C . 0.30 -2.58 1.09
C08 A1L1R C . 0.13 -3.92 0.69
C07 A1L1R C . 1.15 -4.52 -0.05
C01 A1L1R C . 5.71 -1.38 -1.16
N03 A1L1R C . -0.70 -1.89 1.79
O01 A1L1R C . -2.39 -3.39 2.17
N04 A1L1R C . -4.14 -1.40 1.42
N05 A1L1R C . -2.48 0.52 -0.81
O02 A1L1R C . -4.63 0.95 -0.12
N06 A1L1R C . -0.49 1.72 -1.04
C18 A1L1R C . 0.29 2.81 -0.85
C17 A1L1R C . -0.21 3.95 -0.19
C15 A1L1R C . -2.32 2.81 0.08
N07 A1L1R C . 1.54 2.79 -1.34
C21 A1L1R C . 2.35 3.86 -1.17
C20 A1L1R C . 1.92 5.03 -0.52
C19 A1L1R C . 0.61 5.07 -0.01
C22 A1L1R C . 3.74 3.76 -1.75
H11 A1L1R C . -3.06 -1.88 -0.31
H12 A1L1R C . -4.82 -1.65 -0.55
H15 A1L1R C . -1.93 4.83 0.84
H08 A1L1R C . -2.54 -0.17 1.98
H07 A1L1R C . -3.30 -1.08 3.32
H03 A1L1R C . 3.34 -5.44 -1.33
H02 A1L1R C . 5.35 -4.00 -1.93
H05 A1L1R C . -0.78 -4.48 0.97
H04 A1L1R C . 1.04 -5.57 -0.42
H32 A1L1R C . 5.96 -1.24 -2.22
H31 A1L1R C . 6.67 -1.74 -0.73
H33 A1L1R C . 5.68 -0.33 -0.78
H06 A1L1R C . -0.51 -0.89 1.88
H09 A1L1R C . -4.48 -2.35 1.63
H13 A1L1R C . -1.88 -0.25 -1.06
H14 A1L1R C . -3.38 2.79 0.43
H17 A1L1R C . 2.61 5.89 -0.40
H16 A1L1R C . 0.24 5.98 0.51
H42 A1L1R C . 4.01 2.81 -2.22
H41 A1L1R C . 4.55 3.92 -1.02
H43 A1L1R C . 3.97 4.50 -2.53
C10 A1L1R C . -2.88 -1.95 2.08
C14 A1L1R C . -2.12 2.00 -0.66
C13 A1L1R C . -4.19 0.63 -0.43
C12 A1L1R C . -4.56 -0.82 -0.17
C16 A1L1R C . -1.70 4.20 0.21
C11 A1L1R C . -3.83 -0.77 2.23
N01 A1L1R C . 2.70 -1.74 0.03
C06 A1L1R C . 1.55 -2.41 0.26
C05 A1L1R C . 1.40 -3.74 -0.16
C04 A1L1R C . 2.46 -4.40 -0.81
C03 A1L1R C . 3.63 -3.67 -1.08
C02 A1L1R C . 3.70 -2.35 -0.65
N02 A1L1R C . 0.55 -1.77 0.91
C09 A1L1R C . -0.60 -2.41 1.17
C08 A1L1R C . -0.82 -3.74 0.77
C07 A1L1R C . 0.19 -4.41 0.08
C01 A1L1R C . 4.96 -1.54 -0.87
N03 A1L1R C . -1.58 -1.66 1.84
O01 A1L1R C . -3.36 -3.07 2.15
N04 A1L1R C . -4.93 -0.93 1.26
N05 A1L1R C . -2.95 0.87 -0.88
O02 A1L1R C . -5.03 1.48 -0.15
N06 A1L1R C . -0.84 1.85 -1.04
C18 A1L1R C . 0.04 2.87 -0.83
C17 A1L1R C . -0.37 4.06 -0.22
C15 A1L1R C . -2.60 3.15 -0.03
N07 A1L1R C . 1.31 2.71 -1.26
C21 A1L1R C . 2.21 3.69 -1.07
C20 A1L1R C . 1.87 4.92 -0.46
C19 A1L1R C . 0.56 5.10 -0.02
C22 A1L1R C . 3.61 3.46 -1.58
H11 A1L1R C . -3.71 -1.47 -0.37
H12 A1L1R C . -5.43 -1.10 -0.78
H15 A1L1R C . -2.03 5.12 0.74
H08 A1L1R C . -3.31 0.16 2.01
H07 A1L1R C . -4.25 -0.77 3.23
H03 A1L1R C . 2.38 -5.48 -1.09
H02 A1L1R C . 4.47 -4.14 -1.63
H05 A1L1R C . -1.78 -4.25 1.01
H04 A1L1R C . 0.04 -5.45 -0.29
H32 A1L1R C . 5.88 -1.94 -0.38
H31 A1L1R C . 4.97 -0.48 -0.53
H33 A1L1R C . 5.27 -1.46 -1.92
H06 A1L1R C . -1.34 -0.68 1.93
H09 A1L1R C . -5.36 -1.87 1.40
H13 A1L1R C . -2.43 0.05 -1.17
H14 A1L1R C . -3.67 3.23 0.27
H17 A1L1R C . 2.64 5.71 -0.31
H16 A1L1R C . 0.24 6.05 0.46
H42 A1L1R C . 3.82 2.45 -2.00
H41 A1L1R C . 4.42 3.57 -0.82
H43 A1L1R C . 3.94 4.13 -2.39
C10 A1L1R C . -3.37 -1.86 2.34
C14 A1L1R C . -2.66 2.02 -0.48
C13 A1L1R C . -4.74 0.68 -0.25
C12 A1L1R C . -5.12 -0.75 0.08
C16 A1L1R C . -2.22 4.24 0.37
C11 A1L1R C . -4.27 -0.63 2.43
N01 A1L1R C . 2.21 -1.89 0.30
C06 A1L1R C . 1.05 -2.52 0.55
C05 A1L1R C . 0.84 -3.84 0.15
C04 A1L1R C . 1.88 -4.54 -0.49
C03 A1L1R C . 3.07 -3.87 -0.78
C02 A1L1R C . 3.19 -2.54 -0.36
N02 A1L1R C . 0.08 -1.83 1.20
C09 A1L1R C . -1.10 -2.43 1.48
C08 A1L1R C . -1.37 -3.76 1.10
C07 A1L1R C . -0.39 -4.47 0.40
C01 A1L1R C . 4.47 -1.78 -0.60
N03 A1L1R C . -2.05 -1.62 2.13
O01 A1L1R C . -3.90 -2.95 2.42
N04 A1L1R C . -5.42 -0.83 1.52
N05 A1L1R C . -3.50 0.90 -0.70
O02 A1L1R C . -5.59 1.55 -0.02
N06 A1L1R C . -1.37 1.87 -0.85
C18 A1L1R C . -0.50 2.87 -0.64
C17 A1L1R C . -0.89 4.08 -0.05
C15 A1L1R C . -3.13 3.19 0.14
N07 A1L1R C . 0.78 2.69 -1.05
C21 A1L1R C . 1.69 3.67 -0.86
C20 A1L1R C . 1.35 4.90 -0.27
C19 A1L1R C . 0.04 5.10 0.15
C22 A1L1R C . 3.10 3.41 -1.35
H11 A1L1R C . -4.29 -1.42 -0.15
H12 A1L1R C . -6.01 -1.03 -0.47
H15 A1L1R C . -2.55 5.16 0.89
H08 A1L1R C . -3.72 0.26 2.14
H07 A1L1R C . -4.64 -0.53 3.46
H03 A1L1R C . 1.75 -5.62 -0.75
H02 A1L1R C . 3.89 -4.37 -1.31
H05 A1L1R C . -2.34 -4.23 1.34
H04 A1L1R C . -0.58 -5.51 0.05
H32 A1L1R C . 5.37 -2.18 -0.08
H31 A1L1R C . 4.49 -0.70 -0.31
H33 A1L1R C . 4.81 -1.74 -1.65
H06 A1L1R C . -1.77 -0.66 2.22
H09 A1L1R C . -5.83 -1.75 1.72
H13 A1L1R C . -2.98 0.06 -0.95
H14 A1L1R C . -4.20 3.30 0.43
H17 A1L1R C . 2.13 5.69 -0.13
H16 A1L1R C . -0.26 6.07 0.61
H42 A1L1R C . 3.88 3.56 -0.60
H41 A1L1R C . 3.43 4.06 -2.19
H43 A1L1R C . 3.31 2.39 -1.73
C10 A1L1R C . -2.81 -1.82 1.96
C14 A1L1R C . -1.98 2.12 -0.56
C13 A1L1R C . -4.11 0.83 -0.44
C12 A1L1R C . -4.55 -0.59 -0.20
C16 A1L1R C . -1.53 4.34 0.30
C11 A1L1R C . -3.70 -0.59 2.16
N01 A1L1R C . 2.86 -1.93 0.13
C06 A1L1R C . 1.66 -2.53 0.32
C05 A1L1R C . 1.46 -3.87 -0.10
C04 A1L1R C . 2.51 -4.58 -0.68
C03 A1L1R C . 3.73 -3.92 -0.90
C02 A1L1R C . 3.87 -2.60 -0.47
N02 A1L1R C . 0.68 -1.83 0.90
C09 A1L1R C . -0.54 -2.41 1.12
C08 A1L1R C . -0.81 -3.73 0.71
C07 A1L1R C . 0.21 -4.46 0.07
C01 A1L1R C . 5.17 -1.86 -0.63
N03 A1L1R C . -1.51 -1.59 1.71
O01 A1L1R C . -3.37 -2.91 1.99
N04 A1L1R C . -4.85 -0.73 1.24
N05 A1L1R C . -2.82 1.01 -0.79
O02 A1L1R C . -4.94 1.71 -0.26
N06 A1L1R C . -0.68 1.96 -0.91
C18 A1L1R C . 0.19 2.96 -0.71
C17 A1L1R C . -0.21 4.17 -0.11
C15 A1L1R C . -2.45 3.30 0.04
N07 A1L1R C . 1.48 2.78 -1.11
C21 A1L1R C . 2.38 3.75 -0.90
C20 A1L1R C . 2.06 4.98 -0.31
C19 A1L1R C . 0.73 5.19 0.10
C22 A1L1R C . 3.79 3.48 -1.38
H11 A1L1R C . -3.76 -1.30 -0.47
H12 A1L1R C . -5.47 -0.81 -0.76
H15 A1L1R C . -1.86 5.27 0.81
H08 A1L1R C . -3.15 0.32 1.91
H07 A1L1R C . -4.07 -0.56 3.19
H03 A1L1R C . 2.40 -5.65 -0.95
H02 A1L1R C . 4.59 -4.45 -1.38
H05 A1L1R C . -1.80 -4.17 0.90
H04 A1L1R C . 0.02 -5.49 -0.29
H32 A1L1R C . 6.04 -2.32 -0.12
H31 A1L1R C . 5.21 -0.82 -0.27
H33 A1L1R C . 5.53 -1.76 -1.67
H06 A1L1R C . -1.21 -0.64 1.84
H09 A1L1R C . -5.29 -1.65 1.40
H13 A1L1R C . -2.31 0.17 -1.02
H14 A1L1R C . -3.52 3.42 0.31
H17 A1L1R C . 2.83 5.76 -0.17
H16 A1L1R C . 0.44 6.15 0.57
H42 A1L1R C . 4.57 3.53 -0.59
H41 A1L1R C . 4.17 4.20 -2.13
H43 A1L1R C . 3.99 2.50 -1.86
C10 A1L1R C . -2.85 -2.05 2.20
C14 A1L1R C . -2.17 1.88 -0.50
C13 A1L1R C . -4.23 0.50 -0.33
C12 A1L1R C . -4.57 -0.94 -0.03
C16 A1L1R C . -1.78 4.08 0.41
C11 A1L1R C . -3.79 -0.86 2.36
N01 A1L1R C . 2.71 -1.84 0.13
C06 A1L1R C . 1.57 -2.51 0.36
C05 A1L1R C . 1.40 -3.83 -0.08
C04 A1L1R C . 2.45 -4.48 -0.75
C03 A1L1R C . 3.62 -3.75 -1.02
C02 A1L1R C . 3.71 -2.43 -0.55
N02 A1L1R C . 0.58 -1.88 1.03
C09 A1L1R C . -0.58 -2.52 1.31
C08 A1L1R C . -0.81 -3.84 0.87
C07 A1L1R C . 0.19 -4.50 0.16
C01 A1L1R C . 4.97 -1.63 -0.77
N03 A1L1R C . -1.56 -1.77 1.98
O01 A1L1R C . -3.37 -3.16 2.23
N04 A1L1R C . -4.92 -1.03 1.41
N05 A1L1R C . -2.98 0.75 -0.76
O02 A1L1R C . -5.09 1.34 -0.12
N06 A1L1R C . -0.88 1.78 -0.89
C18 A1L1R C . -0.02 2.80 -0.67
C17 A1L1R C . -0.45 3.97 -0.02
C15 A1L1R C . -2.66 3.02 0.15
N07 A1L1R C . 1.25 2.67 -1.09
C21 A1L1R C . 2.13 3.67 -0.88
C20 A1L1R C . 1.78 4.86 -0.24
C19 A1L1R C . 0.46 5.01 0.20
C22 A1L1R C . 3.54 3.45 -1.39
H11 A1L1R C . -3.72 -1.59 -0.22
H12 A1L1R C . -5.44 -1.24 -0.61
H15 A1L1R C . -2.13 4.99 0.95
H08 A1L1R C . -3.27 0.07 2.12
H07 A1L1R C . -4.19 -0.83 3.37
H03 A1L1R C . 2.36 -5.55 -1.05
H02 A1L1R C . 4.46 -4.22 -1.57
H05 A1L1R C . -1.78 -4.35 1.11
H04 A1L1R C . 0.04 -5.54 -0.22
H32 A1L1R C . 5.88 -2.05 -0.30
H31 A1L1R C . 4.97 -0.58 -0.41
H33 A1L1R C . 5.27 -1.51 -1.83
H06 A1L1R C . -1.30 -0.80 2.11
H09 A1L1R C . -5.36 -1.94 1.58
H13 A1L1R C . -2.44 -0.06 -1.01
H14 A1L1R C . -3.73 3.09 0.45
H17 A1L1R C . 2.53 5.66 -0.08
H16 A1L1R C . 0.13 5.95 0.70
H42 A1L1R C . 4.33 3.58 -0.64
H41 A1L1R C . 3.85 4.14 -2.20
H43 A1L1R C . 3.76 2.45 -1.82
C10 A1L1R C . -2.21 -2.09 2.18
C14 A1L1R C . -1.90 2.02 -0.37
C13 A1L1R C . -3.88 0.54 -0.08
C12 A1L1R C . -4.17 -0.94 0.13
C16 A1L1R C . -1.53 4.22 0.54
C11 A1L1R C . -3.19 -0.96 2.43
N01 A1L1R C . 3.26 -1.61 -0.13
C06 A1L1R C . 2.15 -2.33 0.13
C05 A1L1R C . 2.03 -3.66 -0.32
C04 A1L1R C . 3.08 -4.25 -1.03
C03 A1L1R C . 4.21 -3.48 -1.32
C02 A1L1R C . 4.26 -2.17 -0.85
N02 A1L1R C . 1.15 -1.75 0.84
C09 A1L1R C . 0.04 -2.44 1.12
C08 A1L1R C . -0.15 -3.76 0.70
C07 A1L1R C . 0.85 -4.38 -0.05
C01 A1L1R C . 5.47 -1.30 -1.09
N03 A1L1R C . -0.95 -1.74 1.85
O01 A1L1R C . -2.64 -3.23 2.25
N04 A1L1R C . -4.37 -1.17 1.57
N05 A1L1R C . -2.67 0.86 -0.57
O02 A1L1R C . -4.73 1.32 0.29
N06 A1L1R C . -0.62 1.97 -0.83
C18 A1L1R C . 0.20 3.01 -0.66
C17 A1L1R C . -0.23 4.16 0.03
C15 A1L1R C . -2.38 3.12 0.33
N07 A1L1R C . 1.45 2.93 -1.16
C21 A1L1R C . 2.31 3.96 -0.99
C20 A1L1R C . 1.95 5.14 -0.33
C19 A1L1R C . 0.66 5.24 0.21
C22 A1L1R C . 3.68 3.80 -1.60
H11 A1L1R C . -3.32 -1.55 -0.20
H12 A1L1R C . -5.08 -1.22 -0.40
H15 A1L1R C . -1.87 5.11 1.11
H08 A1L1R C . -2.74 0.01 2.19
H07 A1L1R C . -3.51 -0.98 3.48
H03 A1L1R C . 3.03 -5.32 -1.34
H02 A1L1R C . 5.05 -3.90 -1.91
H05 A1L1R C . -1.08 -4.32 0.96
H04 A1L1R C . 0.73 -5.41 -0.44
H32 A1L1R C . 5.76 -1.20 -2.16
H31 A1L1R C . 6.42 -1.68 -0.64
H33 A1L1R C . 5.44 -0.25 -0.74
H06 A1L1R C . -0.74 -0.75 1.96
H09 A1L1R C . -4.70 -2.14 1.70
H13 A1L1R C . -2.13 0.08 -0.93
H14 A1L1R C . -3.44 3.15 0.69
H17 A1L1R C . 2.68 5.97 -0.20
H16 A1L1R C . 0.33 6.16 0.73
H42 A1L1R C . 3.93 4.53 -2.40
H41 A1L1R C . 3.94 2.83 -2.06
H43 A1L1R C . 4.52 3.95 -0.88
C10 A1L1R C . -3.47 -1.40 2.27
C14 A1L1R C . -2.59 2.43 -0.62
C13 A1L1R C . -4.71 1.15 -0.40
C12 A1L1R C . -5.13 -0.26 -0.07
C16 A1L1R C . -2.11 4.65 0.17
C11 A1L1R C . -4.35 -0.16 2.32
N01 A1L1R C . 2.13 -1.59 0.33
C06 A1L1R C . 0.95 -2.20 0.58
C05 A1L1R C . 0.72 -3.53 0.19
C04 A1L1R C . 1.75 -4.27 -0.42
C03 A1L1R C . 2.96 -3.61 -0.70
C02 A1L1R C . 3.11 -2.29 -0.30
N02 A1L1R C . -0.02 -1.48 1.19
C09 A1L1R C . -1.21 -2.05 1.46
C08 A1L1R C . -1.51 -3.37 1.11
C07 A1L1R C . -0.53 -4.11 0.44
C01 A1L1R C . 4.41 -1.55 -0.53
N03 A1L1R C . -2.16 -1.21 2.09
O01 A1L1R C . -4.04 -2.48 2.35
N04 A1L1R C . -5.47 -0.33 1.37
N05 A1L1R C . -3.45 1.32 -0.83
O02 A1L1R C . -5.53 2.03 -0.20
N06 A1L1R C . -1.30 2.24 -0.97
C18 A1L1R C . -0.40 3.22 -0.78
C17 A1L1R C . -0.78 4.45 -0.22
C15 A1L1R C . -3.04 3.62 -0.05
N07 A1L1R C . 0.87 3.00 -1.18
C21 A1L1R C . 1.80 3.96 -1.00
C20 A1L1R C . 1.50 5.21 -0.44
C19 A1L1R C . 0.18 5.46 -0.03
C22 A1L1R C . 3.21 3.64 -1.47
H11 A1L1R C . -4.33 -0.96 -0.27
H12 A1L1R C . -6.02 -0.53 -0.65
H15 A1L1R C . -2.42 5.60 0.66
H08 A1L1R C . -3.77 0.72 2.02
H07 A1L1R C . -4.76 -0.04 3.32
H03 A1L1R C . 1.62 -5.34 -0.66
H02 A1L1R C . 3.79 -4.15 -1.21
H05 A1L1R C . -2.50 -3.81 1.35
H04 A1L1R C . -0.75 -5.16 0.10
H32 A1L1R C . 5.29 -1.98 0.00
H31 A1L1R C . 4.46 -0.47 -0.26
H33 A1L1R C . 4.75 -1.54 -1.59
H06 A1L1R C . -1.85 -0.25 2.17
H09 A1L1R C . -5.92 -1.25 1.55
H13 A1L1R C . -2.95 0.47 -1.06
H14 A1L1R C . -4.11 3.76 0.22
H17 A1L1R C . 2.29 5.98 -0.30
H16 A1L1R C . -0.10 6.44 0.42
H42 A1L1R C . 4.00 3.76 -0.70
H41 A1L1R C . 3.57 4.29 -2.30
H43 A1L1R C . 3.41 2.62 -1.85
C10 A1L1R C . -2.43 -3.09 1.67
C14 A1L1R C . -2.54 0.94 -1.04
C13 A1L1R C . -4.31 -0.78 -0.83
C12 A1L1R C . -4.39 -2.27 -0.59
C16 A1L1R C . -2.51 3.15 -0.08
C11 A1L1R C . -3.53 -2.06 1.76
N01 A1L1R C . 3.00 -2.12 -0.53
C06 A1L1R C . 1.96 -2.94 -0.26
C05 A1L1R C . 1.97 -4.28 -0.70
C04 A1L1R C . 3.08 -4.78 -1.40
C03 A1L1R C . 4.13 -3.90 -1.71
C02 A1L1R C . 4.05 -2.58 -1.25
N02 A1L1R C . 0.92 -2.45 0.44
C09 A1L1R C . -0.13 -3.25 0.74
C08 A1L1R C . -0.19 -4.58 0.32
C07 A1L1R C . 0.88 -5.11 -0.42
C01 A1L1R C . 5.17 -1.60 -1.50
N03 A1L1R C . -1.18 -2.64 1.45
O01 A1L1R C . -2.75 -4.27 1.76
N04 A1L1R C . -4.63 -2.48 0.86
N05 A1L1R C . -3.16 -0.30 -1.32
O02 A1L1R C . -5.30 -0.10 -0.52
N06 A1L1R C . -1.24 1.04 -1.40
C18 A1L1R C . -0.56 2.17 -1.13
C17 A1L1R C . -1.17 3.25 -0.48
C15 A1L1R C . -3.21 1.98 -0.38
N07 A1L1R C . 0.73 2.24 -1.53
C21 A1L1R C . 1.46 3.36 -1.28
C20 A1L1R C . 0.91 4.47 -0.64
C19 A1L1R C . -0.43 4.41 -0.22
C22 A1L1R C . 2.88 3.37 -1.77
H11 A1L1R C . -3.46 -2.75 -0.86
H12 A1L1R C . -5.23 -2.70 -1.14
H15 A1L1R C . -3.00 3.98 0.48
H08 A1L1R C . -3.17 -1.08 1.44
H07 A1L1R C . -3.93 -2.01 2.78
H03 A1L1R C . 3.14 -5.85 -1.69
H02 A1L1R C . 5.01 -4.24 -2.28
H05 A1L1R C . -1.06 -5.22 0.60
H04 A1L1R C . 0.84 -6.15 -0.81
H32 A1L1R C . 6.16 -1.89 -1.09
H31 A1L1R C . 5.03 -0.56 -1.12
H33 A1L1R C . 5.40 -1.44 -2.57
H06 A1L1R C . -1.07 -1.63 1.54
H09 A1L1R C . -4.80 -3.49 1.01
H13 A1L1R C . -2.50 -1.00 -1.64
H14 A1L1R C . -4.28 1.87 -0.10
H17 A1L1R C . 1.53 5.37 -0.44
H16 A1L1R C . -0.90 5.28 0.29
H42 A1L1R C . 3.27 2.42 -2.19
H41 A1L1R C . 3.63 3.61 -0.99
H43 A1L1R C . 3.12 4.09 -2.57
C10 A1L1R C . -2.96 -1.86 2.05
C14 A1L1R C . -2.40 2.31 -0.56
C13 A1L1R C . -4.39 0.82 -0.43
C12 A1L1R C . -4.70 -0.65 -0.21
C16 A1L1R C . -2.15 4.57 0.25
C11 A1L1R C . -3.90 -0.68 2.17
N01 A1L1R C . 2.70 -1.67 0.23
C06 A1L1R C . 1.54 -2.34 0.42
C05 A1L1R C . 1.41 -3.68 -0.01
C04 A1L1R C . 2.50 -4.33 -0.61
C03 A1L1R C . 3.67 -3.61 -0.83
C02 A1L1R C . 3.73 -2.28 -0.39
N02 A1L1R C . 0.52 -1.70 1.03
C09 A1L1R C . -0.63 -2.35 1.26
C08 A1L1R C . -0.85 -3.68 0.84
C07 A1L1R C . 0.19 -4.35 0.18
C01 A1L1R C . 5.00 -1.46 -0.56
N03 A1L1R C . -1.65 -1.59 1.87
O01 A1L1R C . -3.46 -2.98 2.08
N04 A1L1R C . -5.02 -0.84 1.22
N05 A1L1R C . -3.14 1.13 -0.78
O02 A1L1R C . -5.30 1.62 -0.22
N06 A1L1R C . -1.10 2.27 -0.94
C18 A1L1R C . -0.31 3.34 -0.76
C17 A1L1R C . -0.80 4.52 -0.16
C15 A1L1R C . -2.97 3.45 0.04
N07 A1L1R C . 0.97 3.28 -1.17
C21 A1L1R C . 1.79 4.33 -1.00
C20 A1L1R C . 1.36 5.52 -0.41
C19 A1L1R C . 0.04 5.62 0.02
C22 A1L1R C . 3.20 4.18 -1.51
H11 A1L1R C . -3.84 -1.26 -0.46
H12 A1L1R C . -5.57 -0.94 -0.81
H15 A1L1R C . -2.56 5.48 0.75
H08 A1L1R C . -3.37 0.24 1.92
H07 A1L1R C . -4.31 -0.64 3.18
H03 A1L1R C . 2.43 -5.40 -0.89
H02 A1L1R C . 4.54 -4.07 -1.34
H05 A1L1R C . -1.81 -4.19 1.05
H04 A1L1R C . 0.05 -5.38 -0.20
H32 A1L1R C . 5.88 -1.88 -0.04
H31 A1L1R C . 4.99 -0.41 -0.22
H33 A1L1R C . 5.34 -1.36 -1.61
H06 A1L1R C . -1.40 -0.62 1.99
H09 A1L1R C . -5.42 -1.80 1.34
H13 A1L1R C . -2.55 0.34 -1.02
H14 A1L1R C . -4.03 3.47 0.33
H17 A1L1R C . 2.07 6.37 -0.28
H16 A1L1R C . -0.33 6.56 0.50
H42 A1L1R C . 4.00 4.38 -0.76
H41 A1L1R C . 3.48 4.86 -2.35
H43 A1L1R C . 3.49 3.18 -1.90
C10 A1L1R C . -2.67 -1.74 2.20
C14 A1L1R C . -1.89 2.18 -0.56
C13 A1L1R C . -3.94 0.78 -0.41
C12 A1L1R C . -4.29 -0.67 -0.14
C16 A1L1R C . -1.55 4.39 0.35
C11 A1L1R C . -3.63 -0.56 2.27
N01 A1L1R C . 2.93 -1.52 0.23
C06 A1L1R C . 1.77 -2.20 0.44
C05 A1L1R C . 1.61 -3.52 -0.01
C04 A1L1R C . 2.67 -4.16 -0.67
C03 A1L1R C . 3.84 -3.44 -0.91
C02 A1L1R C . 3.93 -2.13 -0.44
N02 A1L1R C . 0.78 -1.57 1.10
C09 A1L1R C . -0.38 -2.21 1.35
C08 A1L1R C . -0.62 -3.53 0.91
C07 A1L1R C . 0.39 -4.19 0.20
C01 A1L1R C . 5.20 -1.32 -0.63
N03 A1L1R C . -1.37 -1.46 2.02
O01 A1L1R C . -3.17 -2.86 2.25
N04 A1L1R C . -4.69 -0.77 1.27
N05 A1L1R C . -2.70 1.05 -0.83
O02 A1L1R C . -4.82 1.62 -0.20
N06 A1L1R C . -0.60 2.09 -0.90
C18 A1L1R C . 0.25 3.10 -0.65
C17 A1L1R C . -0.20 4.28 -0.03
C15 A1L1R C . -2.42 3.33 0.06
N07 A1L1R C . 1.54 2.98 -1.04
C21 A1L1R C . 2.41 3.98 -0.79
C20 A1L1R C . 2.03 5.18 -0.18
C19 A1L1R C . 0.69 5.33 0.22
C22 A1L1R C . 3.83 3.77 -1.26
H11 A1L1R C . -3.42 -1.30 -0.31
H12 A1L1R C . -5.13 -0.98 -0.77
H15 A1L1R C . -1.92 5.29 0.89
H08 A1L1R C . -3.10 0.37 2.05
H07 A1L1R C . -4.08 -0.51 3.26
H03 A1L1R C . 2.59 -5.23 -0.97
H02 A1L1R C . 4.70 -3.90 -1.46
H05 A1L1R C . -1.57 -4.04 1.14
H04 A1L1R C . 0.24 -5.22 -0.18
H32 A1L1R C . 6.11 -1.77 -0.21
H31 A1L1R C . 5.22 -0.29 -0.21
H33 A1L1R C . 5.48 -1.16 -1.68
H06 A1L1R C . -1.13 -0.48 2.12
H09 A1L1R C . -5.12 -1.69 1.43
H13 A1L1R C . -2.15 0.24 -1.08
H14 A1L1R C . -3.50 3.40 0.31
H17 A1L1R C . 2.77 5.98 0.00
H16 A1L1R C . 0.35 6.27 0.70
H42 A1L1R C . 4.07 2.79 -1.73
H41 A1L1R C . 4.60 3.85 -0.46
H43 A1L1R C . 4.18 4.49 -2.02
C10 A1L1R C . -3.16 -1.63 2.52
C14 A1L1R C . -2.61 2.23 -0.38
C13 A1L1R C . -4.67 0.87 -0.06
C12 A1L1R C . -5.02 -0.55 0.31
C16 A1L1R C . -2.17 4.47 0.37
C11 A1L1R C . -4.05 -0.40 2.63
N01 A1L1R C . 2.37 -1.68 0.34
C06 A1L1R C . 1.21 -2.31 0.66
C05 A1L1R C . 1.01 -3.66 0.29
C04 A1L1R C . 2.04 -4.36 -0.35
C03 A1L1R C . 3.21 -3.68 -0.70
C02 A1L1R C . 3.33 -2.34 -0.32
N02 A1L1R C . 0.25 -1.62 1.30
C09 A1L1R C . -0.91 -2.22 1.63
C08 A1L1R C . -1.17 -3.55 1.30
C07 A1L1R C . -0.20 -4.29 0.60
C01 A1L1R C . 4.60 -1.58 -0.62
N03 A1L1R C . -1.85 -1.41 2.28
O01 A1L1R C . -3.70 -2.72 2.63
N04 A1L1R C . -5.24 -0.60 1.77
N05 A1L1R C . -3.43 1.09 -0.54
O02 A1L1R C . -5.51 1.74 0.15
N06 A1L1R C . -1.33 2.08 -0.79
C18 A1L1R C . -0.45 3.10 -0.66
C17 A1L1R C . -0.85 4.32 -0.08
C15 A1L1R C . -3.06 3.41 0.22
N07 A1L1R C . 0.80 2.93 -1.11
C21 A1L1R C . 1.70 3.93 -0.99
C20 A1L1R C . 1.38 5.16 -0.42
C19 A1L1R C . 0.08 5.36 0.04
C22 A1L1R C . 3.10 3.66 -1.52
H11 A1L1R C . -4.20 -1.23 0.06
H12 A1L1R C . -5.94 -0.85 -0.19
H15 A1L1R C . -2.49 5.42 0.87
H08 A1L1R C . -3.52 0.48 2.28
H07 A1L1R C . -4.38 -0.28 3.65
H03 A1L1R C . 1.92 -5.45 -0.58
H02 A1L1R C . 4.03 -4.20 -1.25
H05 A1L1R C . -2.14 -4.03 1.60
H04 A1L1R C . -0.39 -5.33 0.30
H32 A1L1R C . 4.62 -0.50 -0.36
H31 A1L1R C . 4.90 -1.57 -1.69
H33 A1L1R C . 5.51 -1.95 -0.12
H06 A1L1R C . -1.56 -0.43 2.35
H09 A1L1R C . -5.66 -1.53 2.00
H13 A1L1R C . -2.91 0.26 -0.77
H14 A1L1R C . -4.13 3.51 0.53
H17 A1L1R C . 2.14 5.96 -0.33
H16 A1L1R C . -0.22 6.33 0.50
H42 A1L1R C . 3.30 2.65 -1.92
H41 A1L1R C . 3.91 3.81 -0.80
H43 A1L1R C . 3.40 4.31 -2.37
C10 A1L1R C . -1.24 -2.87 1.45
C14 A1L1R C . -1.37 1.24 -0.82
C13 A1L1R C . -3.22 -0.42 -0.77
C12 A1L1R C . -3.39 -1.92 -0.60
C16 A1L1R C . -1.28 3.43 0.20
C11 A1L1R C . -2.34 -1.84 1.66
N01 A1L1R C . 4.24 -1.88 -0.62
C06 A1L1R C . 3.18 -2.68 -0.43
C05 A1L1R C . 3.17 -3.99 -0.94
C04 A1L1R C . 4.29 -4.47 -1.64
C03 A1L1R C . 5.38 -3.61 -1.85
C02 A1L1R C . 5.30 -2.32 -1.31
N02 A1L1R C . 2.13 -2.21 0.25
C09 A1L1R C . 1.05 -2.99 0.49
C08 A1L1R C . 0.98 -4.31 0.00
C07 A1L1R C . 2.06 -4.81 -0.75
C01 A1L1R C . 6.46 -1.35 -1.47
N03 A1L1R C . -0.01 -2.41 1.21
O01 A1L1R C . -1.58 -4.04 1.46
N04 A1L1R C . -3.49 -2.23 0.84
N05 A1L1R C . -2.00 0.02 -1.11
O02 A1L1R C . -4.20 0.28 -0.51
N06 A1L1R C . -0.08 1.35 -1.24
C18 A1L1R C . 0.62 2.48 -0.98
C17 A1L1R C . 0.03 3.54 -0.26
C15 A1L1R C . -2.00 2.26 -0.10
N07 A1L1R C . 1.88 2.56 -1.43
C21 A1L1R C . 2.61 3.66 -1.19
C20 A1L1R C . 2.09 4.76 -0.48
C19 A1L1R C . 0.78 4.70 0.00
C22 A1L1R C . 4.02 3.69 -1.74
H11 A1L1R C . -2.54 -2.45 -1.02
H12 A1L1R C . -4.31 -2.24 -1.10
H15 A1L1R C . -1.74 4.24 0.80
H08 A1L1R C . -1.99 -0.85 1.35
H07 A1L1R C . -2.64 -1.81 2.72
H03 A1L1R C . 4.33 -5.53 -2.00
H02 A1L1R C . 6.27 -3.94 -2.42
H05 A1L1R C . 0.10 -4.94 0.22
H04 A1L1R C . 2.02 -5.83 -1.18
H32 A1L1R C . 7.41 -1.70 -1.03
H31 A1L1R C . 6.34 -0.34 -1.04
H33 A1L1R C . 6.76 -1.13 -2.52
H06 A1L1R C . 0.11 -1.41 1.35
H09 A1L1R C . -3.64 -3.24 0.94
H13 A1L1R C . -1.35 -0.70 -1.41
H14 A1L1R C . -3.07 2.15 0.22
H17 A1L1R C . 2.72 5.66 -0.30
H16 A1L1R C . 0.34 5.55 0.55
H42 A1L1R C . 4.37 2.78 -2.27
H41 A1L1R C . 4.81 3.85 -0.98
H43 A1L1R C . 4.21 4.50 -2.46
C10 A1L1R C . -2.31 -2.44 1.90
C14 A1L1R C . -1.97 1.54 -0.77
C13 A1L1R C . -3.87 -0.05 -0.65
C12 A1L1R C . -4.08 -1.53 -0.37
C16 A1L1R C . -1.85 3.76 0.17
C11 A1L1R C . -3.36 -1.37 2.03
N01 A1L1R C . 3.21 -1.69 -0.13
C06 A1L1R C . 2.13 -2.46 0.08
C05 A1L1R C . 2.08 -3.78 -0.42
C04 A1L1R C . 3.18 -4.31 -1.11
C03 A1L1R C . 4.28 -3.48 -1.35
C02 A1L1R C . 4.25 -2.17 -0.84
N02 A1L1R C . 1.09 -1.94 0.76
C09 A1L1R C . 0.00 -2.70 1.01
C08 A1L1R C . -0.12 -4.01 0.54
C07 A1L1R C . 0.94 -4.55 -0.20
C01 A1L1R C . 5.44 -1.25 -1.02
N03 A1L1R C . -1.04 -2.05 1.72
O01 A1L1R C . -2.71 -3.61 1.91
N04 A1L1R C . -4.44 -1.64 1.06
N05 A1L1R C . -2.64 0.33 -1.05
O02 A1L1R C . -4.82 0.69 -0.46
N06 A1L1R C . -0.67 1.58 -1.13
C18 A1L1R C . 0.06 2.68 -0.88
C17 A1L1R C . -0.50 3.80 -0.24
C15 A1L1R C . -2.59 2.61 -0.12
N07 A1L1R C . 1.36 2.70 -1.29
C21 A1L1R C . 2.11 3.79 -1.06
C20 A1L1R C . 1.62 4.93 -0.41
C19 A1L1R C . 0.28 4.94 0.01
C22 A1L1R C . 3.54 3.73 -1.55
H11 A1L1R C . -3.16 -2.09 -0.54
H12 A1L1R C . -4.90 -1.92 -0.97
H15 A1L1R C . -2.30 4.61 0.72
H08 A1L1R C . -2.93 -0.38 1.81
H07 A1L1R C . -3.79 -1.37 3.03
H03 A1L1R C . 3.18 -5.36 -1.45
H02 A1L1R C . 5.16 -3.85 -1.93
H05 A1L1R C . -1.02 -4.61 0.77
H04 A1L1R C . 0.86 -5.59 -0.62
H32 A1L1R C . 5.37 -0.22 -0.62
H31 A1L1R C . 5.71 -1.07 -2.08
H33 A1L1R C . 6.40 -1.62 -0.60
H06 A1L1R C . -0.89 -1.06 1.85
H09 A1L1R C . -4.79 -2.59 1.23
H13 A1L1R C . -2.02 -0.42 -1.27
H14 A1L1R C . -3.68 2.56 0.15
H17 A1L1R C . 2.27 5.80 -0.24
H16 A1L1R C . -0.15 5.83 0.52
H42 A1L1R C . 3.79 4.49 -2.34
H41 A1L1R C . 3.88 2.79 -2.01
H43 A1L1R C . 4.31 3.92 -0.78
C10 A1L1R C . -2.51 -1.93 2.14
C14 A1L1R C . -2.12 2.12 -0.46
C13 A1L1R C . -4.14 0.69 -0.18
C12 A1L1R C . -4.47 -0.78 0.06
C16 A1L1R C . -1.73 4.33 0.43
C11 A1L1R C . -3.45 -0.76 2.36
N01 A1L1R C . 3.02 -1.72 -0.06
C06 A1L1R C . 1.87 -2.40 0.20
C05 A1L1R C . 1.71 -3.72 -0.24
C04 A1L1R C . 2.76 -4.38 -0.90
C03 A1L1R C . 3.91 -3.64 -1.19
C02 A1L1R C . 4.00 -2.33 -0.74
N02 A1L1R C . 0.89 -1.76 0.87
C09 A1L1R C . -0.26 -2.41 1.16
C08 A1L1R C . -0.49 -3.72 0.76
C07 A1L1R C . 0.50 -4.40 0.03
C01 A1L1R C . 5.26 -1.52 -0.98
N03 A1L1R C . -1.23 -1.65 1.86
O01 A1L1R C . -3.00 -3.06 2.19
N04 A1L1R C . -4.65 -0.96 1.52
N05 A1L1R C . -2.93 0.97 -0.66
O02 A1L1R C . -5.01 1.50 0.15
N06 A1L1R C . -0.85 2.03 -0.88
C18 A1L1R C . -0.01 3.06 -0.70
C17 A1L1R C . -0.43 4.23 -0.05
C15 A1L1R C . -2.61 3.25 0.21
N07 A1L1R C . 1.26 2.95 -1.18
C21 A1L1R C . 2.13 3.96 -1.02
C20 A1L1R C . 1.78 5.16 -0.37
C19 A1L1R C . 0.48 5.30 0.12
C22 A1L1R C . 3.51 3.77 -1.59
H11 A1L1R C . -3.64 -1.42 -0.27
H12 A1L1R C . -5.39 -1.05 -0.45
H15 A1L1R C . -2.08 5.23 0.98
H08 A1L1R C . -2.96 0.17 2.05
H07 A1L1R C . -3.76 -0.72 3.40
H03 A1L1R C . 2.66 -5.45 -1.18
H02 A1L1R C . 4.75 -4.12 -1.75
H05 A1L1R C . -1.45 -4.24 1.01
H04 A1L1R C . 0.34 -5.43 -0.34
H32 A1L1R C . 5.51 -1.36 -2.05
H31 A1L1R C . 6.19 -1.96 -0.58
H33 A1L1R C . 5.28 -0.48 -0.58
H06 A1L1R C . -0.97 -0.68 1.97
H09 A1L1R C . -5.00 -1.92 1.68
H13 A1L1R C . -2.40 0.17 -0.99
H14 A1L1R C . -3.67 3.30 0.56
H17 A1L1R C . 2.52 5.97 -0.25
H16 A1L1R C . 0.16 6.24 0.64
H42 A1L1R C . 3.73 2.81 -2.09
H41 A1L1R C . 4.33 3.84 -0.84
H43 A1L1R C . 3.81 4.52 -2.34
C10 A1L1R C . -2.79 -1.76 2.28
C14 A1L1R C . -2.07 2.16 -0.48
C13 A1L1R C . -4.13 0.79 -0.24
C12 A1L1R C . -4.48 -0.65 0.06
C16 A1L1R C . -1.66 4.36 0.43
C11 A1L1R C . -3.72 -0.59 2.45
N01 A1L1R C . 2.76 -1.58 0.16
C06 A1L1R C . 1.62 -2.25 0.41
C05 A1L1R C . 1.44 -3.57 -0.03
C04 A1L1R C . 2.49 -4.22 -0.70
C03 A1L1R C . 3.65 -3.50 -1.00
C02 A1L1R C . 3.75 -2.17 -0.53
N02 A1L1R C . 0.64 -1.60 1.08
C09 A1L1R C . -0.52 -2.25 1.36
C08 A1L1R C . -0.76 -3.56 0.94
C07 A1L1R C . 0.24 -4.24 0.23
C01 A1L1R C . 5.01 -1.37 -0.76
N03 A1L1R C . -1.49 -1.49 2.05
O01 A1L1R C . -3.29 -2.89 2.33
N04 A1L1R C . -4.83 -0.73 1.49
N05 A1L1R C . -2.89 1.04 -0.70
O02 A1L1R C . -4.97 1.64 0.02
N06 A1L1R C . -0.79 2.04 -0.87
C18 A1L1R C . 0.08 3.06 -0.65
C17 A1L1R C . -0.33 4.24 -0.01
C15 A1L1R C . -2.55 3.31 0.18
N07 A1L1R C . 1.35 2.91 -1.08
C21 A1L1R C . 2.25 3.90 -0.87
C20 A1L1R C . 1.91 5.10 -0.25
C19 A1L1R C . 0.59 5.27 0.21
C22 A1L1R C . 3.65 3.67 -1.39
H11 A1L1R C . -3.63 -1.30 -0.13
H12 A1L1R C . -5.34 -0.96 -0.54
H15 A1L1R C . -1.99 5.27 0.97
H08 A1L1R C . -3.20 0.35 2.23
H07 A1L1R C . -4.13 -0.57 3.46
H03 A1L1R C . 2.40 -5.29 -0.99
H02 A1L1R C . 4.49 -3.96 -1.55
H05 A1L1R C . -1.72 -4.07 1.19
H04 A1L1R C . 0.08 -5.27 -0.15
H32 A1L1R C . 5.04 -0.34 -0.34
H31 A1L1R C . 5.25 -1.20 -1.83
H33 A1L1R C . 5.94 -1.83 -0.37
H06 A1L1R C . -1.24 -0.52 2.15
H09 A1L1R C . -5.29 -1.65 1.65
H13 A1L1R C . -2.37 0.21 -0.98
H14 A1L1R C . -3.62 3.39 0.47
H17 A1L1R C . 2.67 5.89 -0.09
H16 A1L1R C . 0.29 6.22 0.70
H42 A1L1R C . 3.85 2.69 -1.87
H41 A1L1R C . 4.45 3.75 -0.63
H43 A1L1R C . 3.98 4.38 -2.18
C10 A1L1R C . -2.62 -2.24 2.07
C14 A1L1R C . -2.25 1.87 -0.50
C13 A1L1R C . -4.23 0.38 -0.28
C12 A1L1R C . -4.52 -1.09 -0.07
C16 A1L1R C . -1.89 4.03 0.48
C11 A1L1R C . -3.58 -1.09 2.26
N01 A1L1R C . 2.87 -1.87 -0.15
C06 A1L1R C . 1.75 -2.56 0.10
C05 A1L1R C . 1.59 -3.88 -0.38
C04 A1L1R C . 2.64 -4.49 -1.09
C03 A1L1R C . 3.78 -3.73 -1.37
C02 A1L1R C . 3.86 -2.43 -0.88
N02 A1L1R C . 0.77 -1.97 0.82
C09 A1L1R C . -0.36 -2.64 1.10
C08 A1L1R C . -0.58 -3.96 0.64
C07 A1L1R C . 0.41 -4.58 -0.13
C01 A1L1R C . 5.10 -1.59 -1.11
N03 A1L1R C . -1.34 -1.94 1.83
O01 A1L1R C . -3.09 -3.38 2.11
N04 A1L1R C . -4.74 -1.31 1.37
N05 A1L1R C . -3.03 0.71 -0.78
O02 A1L1R C . -5.10 1.17 0.08
N06 A1L1R C . -0.97 1.81 -0.93
C18 A1L1R C . -0.14 2.84 -0.69
C17 A1L1R C . -0.58 3.98 0.02
C15 A1L1R C . -2.76 2.96 0.21
N07 A1L1R C . 1.13 2.76 -1.14
C21 A1L1R C . 1.99 3.77 -0.91
C20 A1L1R C . 1.62 4.94 -0.23
C19 A1L1R C . 0.31 5.04 0.25
C22 A1L1R C . 3.39 3.62 -1.47
H11 A1L1R C . -3.65 -1.69 -0.38
H12 A1L1R C . -5.41 -1.39 -0.62
H15 A1L1R C . -2.26 4.91 1.07
H08 A1L1R C . -3.11 -0.15 1.99
H07 A1L1R C . -3.94 -1.06 3.29
H03 A1L1R C . 2.56 -5.56 -1.42
H02 A1L1R C . 4.62 -4.17 -1.97
H05 A1L1R C . -1.53 -4.49 0.90
H04 A1L1R C . 0.25 -5.60 -0.54
H32 A1L1R C . 5.10 -0.56 -0.70
H31 A1L1R C . 5.35 -1.42 -2.18
H33 A1L1R C . 6.04 -2.01 -0.71
H06 A1L1R C . -1.10 -0.96 1.96
H09 A1L1R C . -5.08 -2.28 1.51
H13 A1L1R C . -2.49 -0.06 -1.14
H14 A1L1R C . -3.82 2.98 0.53
H17 A1L1R C . 2.35 5.75 -0.06
H16 A1L1R C . -0.03 5.94 0.80
H42 A1L1R C . 4.20 3.73 -0.72
H41 A1L1R C . 3.67 4.36 -2.24
H43 A1L1R C . 3.64 2.66 -1.96
C10 A1L1R C . -1.45 -2.12 1.95
C14 A1L1R C . -1.27 1.70 -0.70
C13 A1L1R C . -3.22 0.16 -0.54
C12 A1L1R C . -3.48 -1.30 -0.24
C16 A1L1R C . -1.07 3.93 0.19
C11 A1L1R C . -2.52 -1.05 2.07
N01 A1L1R C . 4.06 -1.37 -0.17
C06 A1L1R C . 2.98 -2.15 0.07
C05 A1L1R C . 2.94 -3.48 -0.38
C04 A1L1R C . 4.05 -4.03 -1.04
C03 A1L1R C . 5.13 -3.19 -1.31
C02 A1L1R C . 5.10 -1.88 -0.84
N02 A1L1R C . 1.94 -1.61 0.73
C09 A1L1R C . 0.85 -2.35 1.01
C08 A1L1R C . 0.74 -3.69 0.59
C07 A1L1R C . 1.80 -4.26 -0.13
C01 A1L1R C . 6.29 -0.96 -1.07
N03 A1L1R C . -0.20 -1.70 1.68
O01 A1L1R C . -1.80 -3.28 2.08
N04 A1L1R C . -3.65 -1.47 1.21
N05 A1L1R C . -1.98 0.50 -0.92
O02 A1L1R C . -4.14 0.93 -0.33
N06 A1L1R C . 0.02 1.71 -1.09
C18 A1L1R C . 0.79 2.80 -0.89
C17 A1L1R C . 0.27 3.94 -0.24
C15 A1L1R C . -1.85 2.79 -0.05
N07 A1L1R C . 2.06 2.77 -1.32
C21 A1L1R C . 2.85 3.84 -1.12
C20 A1L1R C . 2.41 5.00 -0.49
C19 A1L1R C . 1.08 5.05 -0.04
C22 A1L1R C . 4.27 3.74 -1.65
H11 A1L1R C . -2.62 -1.90 -0.57
H12 A1L1R C . -4.38 -1.64 -0.75
H15 A1L1R C . -1.49 4.82 0.72
H08 A1L1R C . -2.16 -0.09 1.70
H07 A1L1R C . -2.87 -0.97 3.10
H03 A1L1R C . 4.06 -5.10 -1.34
H02 A1L1R C . 6.02 -3.59 -1.87
H05 A1L1R C . -0.17 -4.29 0.83
H04 A1L1R C . 1.73 -5.31 -0.51
H32 A1L1R C . 6.23 0.08 -0.65
H31 A1L1R C . 6.54 -0.78 -2.13
H33 A1L1R C . 7.25 -1.32 -0.64
H06 A1L1R C . -0.06 -0.69 1.74
H09 A1L1R C . -3.85 -2.46 1.40
H13 A1L1R C . -1.38 -0.27 -1.16
H14 A1L1R C . -2.92 2.78 0.26
H17 A1L1R C . 3.09 5.86 -0.34
H16 A1L1R C . 0.69 5.95 0.47
H42 A1L1R C . 5.07 3.94 -0.90
H41 A1L1R C . 4.53 4.45 -2.46
H43 A1L1R C . 4.58 2.76 -2.08
#